data_6IAM
#
_entry.id   6IAM
#
_cell.length_a   46.526
_cell.length_b   46.560
_cell.length_c   66.168
_cell.angle_alpha   90.000
_cell.angle_beta   107.220
_cell.angle_gamma   90.000
#
_symmetry.space_group_name_H-M   'P 1 21 1'
#
loop_
_entity.id
_entity.type
_entity.pdbx_description
1 polymer 'WD repeat-containing protein 5'
2 polymer SER-ALA-ARG-ALA-XY5-VAL-HIS-LEU-ARG-LYS-SER-ALA
3 polymer 'Small ubiquitin-related modifier 5'
4 non-polymer 'POTASSIUM ION'
5 non-polymer 'SODIUM ION'
6 water water
#
loop_
_entity_poly.entity_id
_entity_poly.type
_entity_poly.pdbx_seq_one_letter_code
_entity_poly.pdbx_strand_id
1 'polypeptide(L)'
;TPVKPNYALKFTLAGHTKAVSSVKFSPNGEWLASSSADKLIKIWGAYDGKFEKTISGHKLGISDVAWSSDSNLLVSASDD
KTLKIWDVSSGKCLKTLKGHSNYVFCCNFNPQSNLIVSGSFDESVRIWDVKTGKCLKTLPAHSDPVSAVHFNRDGSLIVS
SSYDGLCRIWDTASGQCLKTLIDDDNPPVSFVKFSPNGKYILAATLDNTLKLWDYSKGKCLKTYTGHKNEKYCIFANFSV
TGGKWIVSGSEDNLVYIWNLQTKEIVQKLQGHTDVVISTACHPTENIIASAALENDKTIKLWKSDC
;
A
2 'polypeptide(L)' SARA(XY5)VHLRKSA B
3 'polypeptide(L)' EAKP C
#
# COMPACT_ATOMS: atom_id res chain seq x y z
N THR A 1 10.60 23.44 18.31
CA THR A 1 11.10 22.17 18.81
C THR A 1 10.27 21.06 18.15
N PRO A 2 10.60 19.77 18.33
CA PRO A 2 9.84 18.74 17.60
C PRO A 2 8.37 18.73 18.02
N VAL A 3 7.55 19.67 17.51
CA VAL A 3 6.19 19.85 18.00
C VAL A 3 5.24 18.92 17.25
N LYS A 4 4.11 18.60 17.91
CA LYS A 4 3.10 17.69 17.34
C LYS A 4 2.53 18.29 16.05
N PRO A 5 2.14 17.45 15.09
CA PRO A 5 1.56 17.98 13.85
C PRO A 5 0.16 18.50 14.10
N ASN A 6 -0.35 19.27 13.14
CA ASN A 6 -1.69 19.83 13.27
C ASN A 6 -2.47 19.62 11.97
N TYR A 7 -2.47 18.37 11.49
CA TYR A 7 -3.22 18.04 10.28
C TYR A 7 -4.68 18.44 10.43
N ALA A 8 -5.18 19.15 9.42
CA ALA A 8 -6.55 19.67 9.39
C ALA A 8 -7.16 19.32 8.04
N LEU A 9 -8.45 19.03 8.02
CA LEU A 9 -9.10 18.68 6.77
C LEU A 9 -9.18 19.88 5.85
N LYS A 10 -8.68 19.72 4.62
CA LYS A 10 -8.79 20.76 3.61
C LYS A 10 -9.74 20.40 2.48
N PHE A 11 -9.77 19.15 2.02
CA PHE A 11 -10.63 18.78 0.90
C PHE A 11 -11.18 17.37 1.11
N THR A 12 -12.41 17.17 0.62
CA THR A 12 -13.04 15.87 0.55
C THR A 12 -13.33 15.55 -0.91
N LEU A 13 -12.86 14.39 -1.37
CA LEU A 13 -12.88 13.99 -2.78
C LEU A 13 -13.95 12.91 -2.96
N ALA A 14 -15.07 13.28 -3.56
CA ALA A 14 -16.15 12.33 -3.81
C ALA A 14 -16.16 11.93 -5.28
N GLY A 15 -16.67 10.73 -5.53
CA GLY A 15 -16.87 10.30 -6.90
C GLY A 15 -16.91 8.80 -7.10
N HIS A 16 -16.12 8.06 -6.32
CA HIS A 16 -16.22 6.61 -6.36
C HIS A 16 -17.62 6.19 -5.89
N THR A 17 -18.16 5.13 -6.52
CA THR A 17 -19.52 4.69 -6.24
C THR A 17 -19.57 3.48 -5.31
N LYS A 18 -18.40 2.95 -4.96
CA LYS A 18 -18.25 1.92 -3.94
C LYS A 18 -17.03 2.28 -3.10
N ALA A 19 -16.79 1.48 -2.06
CA ALA A 19 -15.62 1.61 -1.19
C ALA A 19 -14.36 1.94 -1.98
N VAL A 20 -13.58 2.87 -1.45
CA VAL A 20 -12.22 3.11 -1.94
C VAL A 20 -11.30 2.06 -1.31
N SER A 21 -10.31 1.58 -2.07
CA SER A 21 -9.39 0.58 -1.54
C SER A 21 -7.96 1.08 -1.32
N SER A 22 -7.49 2.06 -2.10
CA SER A 22 -6.11 2.48 -2.02
C SER A 22 -5.97 3.88 -2.58
N VAL A 23 -5.17 4.72 -1.92
CA VAL A 23 -4.74 5.99 -2.49
C VAL A 23 -3.22 6.09 -2.42
N LYS A 24 -2.64 6.72 -3.44
CA LYS A 24 -1.19 6.88 -3.56
C LYS A 24 -0.87 8.21 -4.22
N PHE A 25 0.10 8.93 -3.66
CA PHE A 25 0.61 10.15 -4.28
C PHE A 25 1.65 9.82 -5.36
N SER A 26 1.61 10.56 -6.48
CA SER A 26 2.63 10.38 -7.50
C SER A 26 3.98 10.87 -6.98
N PRO A 27 5.08 10.23 -7.38
CA PRO A 27 6.39 10.65 -6.87
C PRO A 27 6.73 12.10 -7.15
N ASN A 28 6.23 12.67 -8.25
CA ASN A 28 6.49 14.07 -8.55
C ASN A 28 5.61 15.03 -7.77
N GLY A 29 4.72 14.51 -6.92
CA GLY A 29 3.99 15.35 -6.01
C GLY A 29 2.74 15.99 -6.58
N GLU A 30 2.46 15.79 -7.86
CA GLU A 30 1.38 16.52 -8.52
C GLU A 30 0.02 15.85 -8.37
N TRP A 31 -0.04 14.52 -8.23
CA TRP A 31 -1.28 13.78 -8.37
C TRP A 31 -1.51 12.82 -7.21
N LEU A 32 -2.78 12.50 -7.01
CA LEU A 32 -3.20 11.37 -6.19
C LEU A 32 -3.95 10.40 -7.08
N ALA A 33 -3.65 9.12 -6.95
CA ALA A 33 -4.43 8.07 -7.62
C ALA A 33 -5.23 7.30 -6.57
N SER A 34 -6.48 6.95 -6.91
CA SER A 34 -7.31 6.12 -6.04
C SER A 34 -7.84 4.94 -6.83
N SER A 35 -7.97 3.81 -6.15
CA SER A 35 -8.64 2.63 -6.69
C SER A 35 -9.84 2.28 -5.83
N SER A 36 -10.78 1.53 -6.41
CA SER A 36 -12.03 1.27 -5.72
C SER A 36 -12.66 -0.05 -6.15
N ALA A 37 -13.52 -0.55 -5.27
CA ALA A 37 -14.39 -1.67 -5.57
C ALA A 37 -15.29 -1.41 -6.78
N ASP A 38 -15.45 -0.14 -7.17
CA ASP A 38 -16.25 0.21 -8.32
C ASP A 38 -15.56 -0.04 -9.65
N LYS A 39 -14.39 -0.71 -9.65
CA LYS A 39 -13.65 -1.10 -10.86
C LYS A 39 -12.90 0.07 -11.49
N LEU A 40 -12.87 1.24 -10.86
CA LEU A 40 -12.28 2.45 -11.42
C LEU A 40 -11.05 2.91 -10.67
N ILE A 41 -10.15 3.55 -11.43
CA ILE A 41 -9.06 4.37 -10.93
C ILE A 41 -9.46 5.82 -11.17
N LYS A 42 -9.27 6.67 -10.18
CA LYS A 42 -9.44 8.10 -10.39
C LYS A 42 -8.16 8.84 -10.04
N ILE A 43 -7.93 9.93 -10.76
CA ILE A 43 -6.78 10.78 -10.59
C ILE A 43 -7.28 12.13 -10.11
N TRP A 44 -6.58 12.69 -9.12
CA TRP A 44 -6.96 13.94 -8.46
C TRP A 44 -5.72 14.80 -8.27
N GLY A 45 -5.91 16.11 -8.22
CA GLY A 45 -4.81 16.99 -7.86
C GLY A 45 -4.33 16.75 -6.44
N ALA A 46 -3.01 16.64 -6.24
CA ALA A 46 -2.48 16.32 -4.91
C ALA A 46 -2.64 17.46 -3.91
N TYR A 47 -2.73 18.70 -4.34
CA TYR A 47 -2.74 19.85 -3.43
C TYR A 47 -4.15 20.39 -3.18
N ASP A 48 -5.05 20.24 -4.15
CA ASP A 48 -6.38 20.81 -4.04
C ASP A 48 -7.47 19.77 -4.26
N GLY A 49 -7.11 18.51 -4.47
CA GLY A 49 -8.10 17.47 -4.63
C GLY A 49 -8.90 17.56 -5.91
N LYS A 50 -8.47 18.36 -6.88
CA LYS A 50 -9.27 18.57 -8.07
C LYS A 50 -9.41 17.29 -8.87
N PHE A 51 -10.66 16.86 -9.13
CA PHE A 51 -10.86 15.69 -9.97
C PHE A 51 -10.22 15.92 -11.33
N GLU A 52 -9.44 14.94 -11.78
CA GLU A 52 -8.79 15.04 -13.08
C GLU A 52 -9.33 14.08 -14.12
N LYS A 53 -9.41 12.78 -13.82
CA LYS A 53 -9.92 11.82 -14.79
C LYS A 53 -10.25 10.50 -14.11
N THR A 54 -11.02 9.69 -14.83
CA THR A 54 -11.33 8.31 -14.49
C THR A 54 -10.67 7.39 -15.52
N ILE A 55 -10.08 6.30 -15.02
CA ILE A 55 -9.39 5.32 -15.84
C ILE A 55 -10.11 3.99 -15.62
N SER A 56 -10.60 3.39 -16.71
CA SER A 56 -11.50 2.24 -16.64
C SER A 56 -10.99 1.12 -17.54
N GLY A 57 -11.38 -0.12 -17.19
CA GLY A 57 -11.03 -1.28 -17.98
C GLY A 57 -11.08 -2.59 -17.22
N HIS A 58 -10.80 -2.56 -15.91
CA HIS A 58 -10.93 -3.79 -15.12
C HIS A 58 -12.38 -4.24 -15.10
N LYS A 59 -12.57 -5.55 -14.98
CA LYS A 59 -13.90 -6.14 -14.99
C LYS A 59 -14.48 -6.34 -13.61
N LEU A 60 -13.66 -6.23 -12.57
CA LEU A 60 -14.09 -6.34 -11.19
C LEU A 60 -13.31 -5.32 -10.36
N GLY A 61 -13.63 -5.27 -9.08
CA GLY A 61 -13.04 -4.27 -8.21
C GLY A 61 -11.53 -4.34 -8.14
N ILE A 62 -10.95 -3.22 -7.74
CA ILE A 62 -9.51 -3.02 -7.67
C ILE A 62 -9.13 -2.85 -6.20
N SER A 63 -8.10 -3.57 -5.76
CA SER A 63 -7.64 -3.51 -4.37
C SER A 63 -6.40 -2.66 -4.16
N ASP A 64 -5.65 -2.31 -5.21
CA ASP A 64 -4.41 -1.56 -5.03
C ASP A 64 -4.03 -0.91 -6.35
N VAL A 65 -3.28 0.19 -6.26
CA VAL A 65 -2.75 0.89 -7.41
C VAL A 65 -1.38 1.45 -6.99
N ALA A 66 -0.47 1.60 -7.94
CA ALA A 66 0.88 2.07 -7.63
C ALA A 66 1.48 2.80 -8.83
N TRP A 67 2.29 3.81 -8.53
CA TRP A 67 2.91 4.65 -9.54
C TRP A 67 4.31 4.18 -9.93
N SER A 68 4.68 4.39 -11.18
CA SER A 68 6.08 4.30 -11.58
C SER A 68 6.86 5.50 -11.06
N SER A 69 8.19 5.36 -11.09
CA SER A 69 9.06 6.38 -10.51
C SER A 69 8.95 7.72 -11.23
N ASP A 70 8.69 7.72 -12.54
CA ASP A 70 8.59 8.96 -13.30
C ASP A 70 7.18 9.53 -13.33
N SER A 71 6.26 8.95 -12.57
CA SER A 71 4.88 9.40 -12.43
C SER A 71 4.07 9.28 -13.71
N ASN A 72 4.55 8.55 -14.71
CA ASN A 72 3.82 8.45 -15.97
C ASN A 72 2.95 7.21 -16.05
N LEU A 73 3.28 6.15 -15.31
CA LEU A 73 2.52 4.91 -15.34
C LEU A 73 1.90 4.59 -14.00
N LEU A 74 0.83 3.82 -14.07
CA LEU A 74 0.18 3.21 -12.93
C LEU A 74 0.06 1.72 -13.18
N VAL A 75 0.09 0.93 -12.12
CA VAL A 75 -0.32 -0.47 -12.18
C VAL A 75 -1.43 -0.68 -11.16
N SER A 76 -2.39 -1.52 -11.51
CA SER A 76 -3.52 -1.80 -10.62
C SER A 76 -3.68 -3.31 -10.46
N ALA A 77 -4.22 -3.70 -9.31
CA ALA A 77 -4.43 -5.10 -8.93
C ALA A 77 -5.91 -5.33 -8.69
N SER A 78 -6.50 -6.32 -9.39
CA SER A 78 -7.96 -6.46 -9.43
C SER A 78 -8.45 -7.86 -9.06
N ASP A 79 -9.69 -7.90 -8.59
CA ASP A 79 -10.40 -9.16 -8.39
C ASP A 79 -10.58 -9.95 -9.68
N ASP A 80 -10.42 -9.30 -10.85
CA ASP A 80 -10.55 -10.03 -12.12
C ASP A 80 -9.32 -10.89 -12.41
N LYS A 81 -8.41 -11.01 -11.45
CA LYS A 81 -7.24 -11.89 -11.45
C LYS A 81 -6.11 -11.32 -12.31
N THR A 82 -6.25 -10.08 -12.80
CA THR A 82 -5.21 -9.44 -13.58
C THR A 82 -4.67 -8.20 -12.87
N LEU A 83 -3.48 -7.80 -13.31
CA LEU A 83 -3.00 -6.43 -13.16
C LEU A 83 -3.07 -5.75 -14.52
N LYS A 84 -3.23 -4.43 -14.51
CA LYS A 84 -3.15 -3.63 -15.72
C LYS A 84 -2.14 -2.51 -15.50
N ILE A 85 -1.37 -2.24 -16.55
CA ILE A 85 -0.43 -1.12 -16.58
C ILE A 85 -1.07 -0.03 -17.42
N TRP A 86 -1.09 1.19 -16.90
CA TRP A 86 -1.80 2.29 -17.53
C TRP A 86 -0.86 3.45 -17.83
N ASP A 87 -1.08 4.11 -18.97
CA ASP A 87 -0.48 5.40 -19.22
C ASP A 87 -1.40 6.46 -18.63
N VAL A 88 -0.90 7.20 -17.63
CA VAL A 88 -1.78 8.10 -16.88
C VAL A 88 -2.25 9.26 -17.75
N SER A 89 -1.39 9.80 -18.61
CA SER A 89 -1.79 10.96 -19.42
C SER A 89 -2.89 10.61 -20.41
N SER A 90 -2.83 9.43 -21.01
CA SER A 90 -3.83 9.02 -21.98
C SER A 90 -4.96 8.22 -21.37
N GLY A 91 -4.76 7.64 -20.19
CA GLY A 91 -5.72 6.74 -19.60
C GLY A 91 -5.79 5.37 -20.25
N LYS A 92 -4.86 5.04 -21.13
CA LYS A 92 -4.94 3.80 -21.89
C LYS A 92 -4.28 2.65 -21.13
N CYS A 93 -4.89 1.48 -21.19
CA CYS A 93 -4.24 0.27 -20.71
C CYS A 93 -3.12 -0.14 -21.68
N LEU A 94 -1.88 -0.17 -21.19
CA LEU A 94 -0.76 -0.61 -22.03
C LEU A 94 -0.63 -2.12 -22.07
N LYS A 95 -0.77 -2.78 -20.92
CA LYS A 95 -0.57 -4.21 -20.77
C LYS A 95 -1.58 -4.74 -19.75
N THR A 96 -2.02 -5.98 -19.96
CA THR A 96 -2.76 -6.74 -18.96
C THR A 96 -1.89 -7.92 -18.53
N LEU A 97 -1.65 -8.02 -17.22
CA LEU A 97 -0.74 -9.02 -16.66
C LEU A 97 -1.57 -10.19 -16.15
N LYS A 98 -1.48 -11.31 -16.86
CA LYS A 98 -2.28 -12.50 -16.63
C LYS A 98 -1.40 -13.63 -16.13
N GLY A 99 -1.88 -14.33 -15.10
CA GLY A 99 -1.15 -15.44 -14.55
C GLY A 99 -1.68 -15.85 -13.19
N HIS A 100 -2.05 -14.88 -12.35
CA HIS A 100 -2.60 -15.23 -11.05
C HIS A 100 -3.91 -16.02 -11.24
N SER A 101 -4.20 -16.90 -10.28
CA SER A 101 -5.38 -17.77 -10.34
C SER A 101 -6.45 -17.36 -9.34
N ASN A 102 -6.29 -16.22 -8.67
CA ASN A 102 -7.29 -15.68 -7.76
C ASN A 102 -7.06 -14.18 -7.70
N TYR A 103 -7.86 -13.49 -6.87
CA TYR A 103 -7.82 -12.04 -6.79
C TYR A 103 -6.40 -11.54 -6.64
N VAL A 104 -6.07 -10.46 -7.34
CA VAL A 104 -4.79 -9.80 -7.12
C VAL A 104 -5.04 -8.69 -6.12
N PHE A 105 -4.24 -8.66 -5.06
CA PHE A 105 -4.52 -7.86 -3.87
C PHE A 105 -3.61 -6.66 -3.72
N CYS A 106 -2.36 -6.74 -4.18
CA CYS A 106 -1.36 -5.72 -3.89
C CYS A 106 -0.35 -5.69 -5.02
N CYS A 107 0.26 -4.51 -5.23
CA CYS A 107 1.19 -4.33 -6.35
C CYS A 107 2.11 -3.14 -6.12
N ASN A 108 3.26 -3.17 -6.79
CA ASN A 108 4.21 -2.07 -6.77
C ASN A 108 5.19 -2.19 -7.93
N PHE A 109 5.68 -1.04 -8.40
CA PHE A 109 6.83 -0.99 -9.31
C PHE A 109 8.12 -1.04 -8.49
N ASN A 110 9.21 -1.51 -9.10
CA ASN A 110 10.52 -1.27 -8.48
C ASN A 110 10.98 0.15 -8.81
N PRO A 111 12.06 0.62 -8.18
CA PRO A 111 12.52 2.00 -8.43
C PRO A 111 12.88 2.29 -9.88
N GLN A 112 13.54 1.34 -10.54
N GLN A 112 13.57 1.37 -10.57
CA GLN A 112 13.85 1.42 -11.95
CA GLN A 112 13.85 1.53 -12.00
C GLN A 112 12.60 1.46 -12.80
C GLN A 112 12.58 1.46 -12.84
N SER A 113 11.52 0.87 -12.28
CA SER A 113 10.21 0.77 -12.91
C SER A 113 10.21 -0.08 -14.18
N ASN A 114 11.17 -0.99 -14.28
CA ASN A 114 11.12 -2.02 -15.31
C ASN A 114 10.45 -3.30 -14.82
N LEU A 115 10.22 -3.44 -13.51
CA LEU A 115 9.51 -4.59 -12.96
C LEU A 115 8.30 -4.16 -12.13
N ILE A 116 7.34 -5.06 -12.05
CA ILE A 116 6.20 -4.97 -11.14
C ILE A 116 6.19 -6.21 -10.27
N VAL A 117 5.87 -6.04 -8.99
CA VAL A 117 5.63 -7.16 -8.09
C VAL A 117 4.16 -7.15 -7.70
N SER A 118 3.58 -8.35 -7.59
CA SER A 118 2.18 -8.51 -7.23
C SER A 118 2.02 -9.61 -6.19
N GLY A 119 0.98 -9.47 -5.37
CA GLY A 119 0.58 -10.53 -4.46
C GLY A 119 -0.88 -10.83 -4.60
N SER A 120 -1.24 -12.09 -4.36
CA SER A 120 -2.59 -12.57 -4.68
C SER A 120 -3.17 -13.49 -3.61
N PHE A 121 -4.50 -13.61 -3.66
CA PHE A 121 -5.22 -14.63 -2.91
C PHE A 121 -4.77 -16.04 -3.29
N ASP A 122 -4.09 -16.21 -4.42
CA ASP A 122 -3.57 -17.52 -4.78
C ASP A 122 -2.29 -17.90 -4.01
N GLU A 123 -1.85 -17.06 -3.06
CA GLU A 123 -0.76 -17.32 -2.10
C GLU A 123 0.60 -17.12 -2.75
N SER A 124 0.66 -16.64 -3.99
CA SER A 124 1.91 -16.40 -4.69
C SER A 124 2.23 -14.91 -4.78
N VAL A 125 3.52 -14.66 -4.96
CA VAL A 125 4.06 -13.37 -5.38
C VAL A 125 4.57 -13.56 -6.80
N ARG A 126 4.23 -12.63 -7.70
CA ARG A 126 4.74 -12.69 -9.05
C ARG A 126 5.54 -11.43 -9.39
N ILE A 127 6.55 -11.63 -10.23
CA ILE A 127 7.42 -10.56 -10.73
C ILE A 127 7.22 -10.47 -12.23
N TRP A 128 6.93 -9.27 -12.71
CA TRP A 128 6.50 -9.06 -14.08
C TRP A 128 7.43 -8.07 -14.79
N ASP A 129 7.62 -8.30 -16.09
CA ASP A 129 8.36 -7.38 -16.94
C ASP A 129 7.40 -6.33 -17.48
N VAL A 130 7.69 -5.05 -17.19
CA VAL A 130 6.79 -3.95 -17.56
C VAL A 130 6.70 -3.82 -19.08
N LYS A 131 7.83 -3.96 -19.77
CA LYS A 131 7.89 -3.70 -21.20
C LYS A 131 7.11 -4.76 -21.99
N THR A 132 7.24 -6.03 -21.61
CA THR A 132 6.56 -7.12 -22.31
C THR A 132 5.26 -7.55 -21.67
N GLY A 133 5.03 -7.23 -20.40
CA GLY A 133 3.86 -7.71 -19.69
C GLY A 133 3.88 -9.18 -19.33
N LYS A 134 5.02 -9.84 -19.51
CA LYS A 134 5.18 -11.26 -19.20
C LYS A 134 5.54 -11.44 -17.73
N CYS A 135 5.07 -12.54 -17.16
CA CYS A 135 5.50 -12.92 -15.82
C CYS A 135 6.91 -13.51 -15.91
N LEU A 136 7.84 -12.93 -15.14
CA LEU A 136 9.20 -13.48 -15.11
C LEU A 136 9.38 -14.58 -14.08
N LYS A 137 8.77 -14.44 -12.91
CA LYS A 137 8.93 -15.41 -11.83
C LYS A 137 7.64 -15.53 -11.05
N THR A 138 7.33 -16.74 -10.62
CA THR A 138 6.26 -16.99 -9.65
C THR A 138 6.87 -17.57 -8.39
N LEU A 139 6.72 -16.86 -7.27
CA LEU A 139 7.28 -17.27 -6.00
C LEU A 139 6.19 -17.97 -5.19
N PRO A 140 6.44 -19.20 -4.74
CA PRO A 140 5.49 -19.88 -3.82
C PRO A 140 5.65 -19.32 -2.41
N ALA A 141 5.18 -18.10 -2.22
CA ALA A 141 5.69 -17.26 -1.15
C ALA A 141 5.05 -17.54 0.19
N HIS A 142 3.77 -17.92 0.21
CA HIS A 142 2.99 -17.90 1.44
C HIS A 142 1.98 -19.04 1.42
N SER A 143 1.31 -19.23 2.56
CA SER A 143 0.30 -20.29 2.69
C SER A 143 -1.09 -19.75 2.96
N ASP A 144 -1.33 -18.49 2.58
CA ASP A 144 -2.58 -17.77 2.71
C ASP A 144 -2.49 -16.55 1.80
N PRO A 145 -3.56 -15.79 1.61
CA PRO A 145 -3.47 -14.62 0.72
C PRO A 145 -2.33 -13.69 1.09
N VAL A 146 -1.71 -13.13 0.05
CA VAL A 146 -0.60 -12.19 0.19
C VAL A 146 -1.18 -10.78 0.31
N SER A 147 -0.90 -10.12 1.43
CA SER A 147 -1.52 -8.84 1.74
C SER A 147 -0.75 -7.64 1.26
N ALA A 148 0.57 -7.75 1.06
CA ALA A 148 1.37 -6.61 0.63
C ALA A 148 2.68 -7.10 0.01
N VAL A 149 3.20 -6.27 -0.90
CA VAL A 149 4.49 -6.50 -1.57
C VAL A 149 5.11 -5.13 -1.83
N HIS A 150 6.42 -5.01 -1.62
CA HIS A 150 7.10 -3.72 -1.74
C HIS A 150 8.57 -3.98 -2.06
N PHE A 151 9.10 -3.22 -3.02
CA PHE A 151 10.53 -3.27 -3.32
C PHE A 151 11.30 -2.33 -2.39
N ASN A 152 12.56 -2.66 -2.14
CA ASN A 152 13.44 -1.73 -1.43
C ASN A 152 13.99 -0.70 -2.42
N ARG A 153 14.91 0.15 -1.95
CA ARG A 153 15.23 1.38 -2.66
C ARG A 153 16.09 1.20 -3.89
N ASP A 154 16.76 0.05 -4.05
CA ASP A 154 17.42 -0.27 -5.31
C ASP A 154 16.77 -1.43 -6.04
N GLY A 155 15.59 -1.87 -5.61
CA GLY A 155 14.91 -2.95 -6.28
C GLY A 155 15.49 -4.33 -6.08
N SER A 156 16.52 -4.46 -5.25
CA SER A 156 17.18 -5.75 -5.09
C SER A 156 16.41 -6.69 -4.15
N LEU A 157 15.55 -6.13 -3.30
CA LEU A 157 14.75 -6.91 -2.36
C LEU A 157 13.27 -6.65 -2.55
N ILE A 158 12.47 -7.67 -2.25
CA ILE A 158 11.02 -7.58 -2.13
C ILE A 158 10.66 -8.03 -0.71
N VAL A 159 9.81 -7.27 -0.04
CA VAL A 159 9.21 -7.72 1.22
C VAL A 159 7.75 -8.07 0.95
N SER A 160 7.31 -9.21 1.47
CA SER A 160 5.93 -9.65 1.33
C SER A 160 5.37 -10.00 2.69
N SER A 161 4.04 -9.94 2.78
CA SER A 161 3.33 -10.29 4.01
C SER A 161 2.08 -11.09 3.66
N SER A 162 1.56 -11.82 4.63
CA SER A 162 0.42 -12.70 4.39
C SER A 162 -0.39 -12.91 5.65
N TYR A 163 -1.67 -13.22 5.44
CA TYR A 163 -2.51 -13.73 6.52
C TYR A 163 -1.93 -14.98 7.18
N ASP A 164 -0.94 -15.65 6.57
CA ASP A 164 -0.32 -16.81 7.21
C ASP A 164 0.53 -16.43 8.41
N GLY A 165 0.72 -15.13 8.66
CA GLY A 165 1.45 -14.63 9.80
C GLY A 165 2.92 -14.36 9.55
N LEU A 166 3.36 -14.53 8.31
CA LEU A 166 4.76 -14.37 7.96
C LEU A 166 5.00 -13.08 7.18
N CYS A 167 6.18 -12.52 7.44
CA CYS A 167 6.80 -11.51 6.60
CA CYS A 167 6.80 -11.50 6.59
C CYS A 167 8.07 -12.12 6.06
N ARG A 168 8.22 -12.15 4.74
CA ARG A 168 9.37 -12.72 4.08
CA ARG A 168 9.39 -12.73 4.09
C ARG A 168 10.08 -11.70 3.20
N ILE A 169 11.41 -11.80 3.10
CA ILE A 169 12.21 -10.92 2.26
C ILE A 169 12.84 -11.77 1.16
N TRP A 170 12.69 -11.33 -0.08
CA TRP A 170 13.08 -12.07 -1.27
C TRP A 170 14.17 -11.35 -2.05
N ASP A 171 15.08 -12.12 -2.62
CA ASP A 171 16.02 -11.62 -3.62
C ASP A 171 15.30 -11.50 -4.96
N THR A 172 15.18 -10.27 -5.46
CA THR A 172 14.49 -10.04 -6.73
C THR A 172 15.10 -10.83 -7.87
N ALA A 173 16.43 -10.82 -8.01
CA ALA A 173 17.04 -11.37 -9.21
C ALA A 173 16.86 -12.88 -9.31
N SER A 174 16.85 -13.59 -8.18
CA SER A 174 16.71 -15.04 -8.18
C SER A 174 15.34 -15.54 -7.74
N GLY A 175 14.56 -14.71 -7.05
CA GLY A 175 13.30 -15.15 -6.50
C GLY A 175 13.41 -16.01 -5.25
N GLN A 176 14.60 -16.15 -4.66
CA GLN A 176 14.79 -16.98 -3.49
C GLN A 176 14.66 -16.16 -2.21
N CYS A 177 14.18 -16.82 -1.16
CA CYS A 177 13.92 -16.17 0.12
C CYS A 177 15.24 -15.93 0.85
N LEU A 178 15.46 -14.69 1.27
CA LEU A 178 16.61 -14.33 2.06
C LEU A 178 16.37 -14.52 3.57
N LYS A 179 15.15 -14.23 4.02
CA LYS A 179 14.84 -14.13 5.45
C LYS A 179 13.33 -14.27 5.65
N THR A 180 12.93 -14.96 6.72
CA THR A 180 11.57 -14.87 7.27
C THR A 180 11.67 -14.16 8.62
N LEU A 181 10.91 -13.07 8.80
CA LEU A 181 10.68 -12.48 10.14
C LEU A 181 9.43 -13.11 10.78
N ILE A 182 9.61 -13.93 11.81
CA ILE A 182 8.50 -14.21 12.72
C ILE A 182 8.88 -13.70 14.12
N ASP A 183 7.83 -13.45 14.91
CA ASP A 183 7.79 -12.87 16.26
C ASP A 183 7.52 -14.00 17.26
N ASP A 184 7.01 -13.64 18.45
CA ASP A 184 6.63 -14.64 19.45
C ASP A 184 5.33 -15.37 19.09
N ASP A 185 4.60 -14.89 18.08
CA ASP A 185 3.28 -15.38 17.69
C ASP A 185 3.15 -15.07 16.20
N ASN A 186 2.06 -15.54 15.58
CA ASN A 186 1.85 -15.32 14.15
C ASN A 186 0.41 -14.88 13.86
N PRO A 187 -0.02 -13.72 14.39
CA PRO A 187 -1.27 -13.12 13.88
C PRO A 187 -1.10 -12.78 12.41
N PRO A 188 -2.19 -12.69 11.65
CA PRO A 188 -2.06 -12.28 10.25
C PRO A 188 -1.25 -11.01 10.11
N VAL A 189 -0.36 -10.97 9.11
CA VAL A 189 0.38 -9.77 8.78
C VAL A 189 -0.34 -9.13 7.60
N SER A 190 -0.90 -7.93 7.83
CA SER A 190 -1.85 -7.31 6.92
C SER A 190 -1.23 -6.24 6.04
N PHE A 191 0.00 -5.83 6.33
CA PHE A 191 0.67 -4.79 5.56
C PHE A 191 2.16 -4.81 5.89
N VAL A 192 3.01 -4.58 4.88
CA VAL A 192 4.43 -4.34 5.09
C VAL A 192 4.92 -3.33 4.08
N LYS A 193 5.96 -2.58 4.47
CA LYS A 193 6.71 -1.76 3.51
C LYS A 193 8.06 -1.37 4.09
N PHE A 194 9.03 -1.20 3.18
CA PHE A 194 10.35 -0.67 3.54
C PHE A 194 10.25 0.82 3.87
N SER A 195 11.15 1.27 4.75
CA SER A 195 11.23 2.66 5.13
C SER A 195 11.90 3.52 4.07
N PRO A 196 11.70 4.83 4.15
CA PRO A 196 12.36 5.75 3.20
C PRO A 196 13.91 5.71 3.23
N ASN A 197 14.56 5.27 4.32
CA ASN A 197 16.02 5.07 4.34
C ASN A 197 16.45 3.66 3.95
N GLY A 198 15.50 2.74 3.70
CA GLY A 198 15.80 1.41 3.21
C GLY A 198 16.17 0.37 4.25
N LYS A 199 16.23 0.80 5.52
CA LYS A 199 16.81 0.14 6.70
C LYS A 199 15.80 -0.64 7.51
N TYR A 200 14.55 -0.21 7.49
CA TYR A 200 13.49 -0.76 8.32
C TYR A 200 12.35 -1.28 7.47
N ILE A 201 11.56 -2.15 8.08
CA ILE A 201 10.27 -2.59 7.55
C ILE A 201 9.21 -2.25 8.60
N LEU A 202 8.15 -1.59 8.15
CA LEU A 202 6.96 -1.36 8.96
C LEU A 202 5.95 -2.48 8.65
N ALA A 203 5.45 -3.15 9.68
CA ALA A 203 4.53 -4.26 9.50
C ALA A 203 3.30 -4.11 10.37
N ALA A 204 2.13 -4.27 9.78
CA ALA A 204 0.88 -4.31 10.53
C ALA A 204 0.42 -5.75 10.73
N THR A 205 -0.11 -6.04 11.91
CA THR A 205 -0.74 -7.32 12.22
C THR A 205 -2.16 -7.09 12.72
N LEU A 206 -3.02 -8.10 12.51
CA LEU A 206 -4.45 -8.00 12.80
C LEU A 206 -4.75 -8.31 14.25
N ASP A 207 -3.86 -7.81 15.11
CA ASP A 207 -4.00 -7.77 16.56
C ASP A 207 -3.84 -6.33 17.03
N ASN A 208 -4.27 -5.38 16.20
CA ASN A 208 -4.28 -3.95 16.55
C ASN A 208 -2.87 -3.43 16.84
N THR A 209 -1.90 -3.89 16.06
CA THR A 209 -0.51 -3.57 16.31
C THR A 209 0.24 -3.27 15.01
N LEU A 210 1.10 -2.25 15.07
CA LEU A 210 2.12 -1.97 14.07
C LEU A 210 3.50 -2.15 14.70
N LYS A 211 4.45 -2.63 13.91
CA LYS A 211 5.80 -2.81 14.44
C LYS A 211 6.85 -2.34 13.44
N LEU A 212 7.90 -1.71 13.96
CA LEU A 212 9.04 -1.32 13.16
C LEU A 212 10.15 -2.35 13.35
N TRP A 213 10.60 -2.95 12.24
CA TRP A 213 11.64 -3.98 12.27
C TRP A 213 12.93 -3.49 11.64
N ASP A 214 14.05 -3.82 12.29
CA ASP A 214 15.37 -3.76 11.66
C ASP A 214 15.51 -5.02 10.83
N TYR A 215 15.48 -4.92 9.50
CA TYR A 215 15.42 -6.22 8.85
C TYR A 215 16.80 -6.85 8.71
N SER A 216 17.89 -6.08 8.74
CA SER A 216 19.22 -6.68 8.66
C SER A 216 19.45 -7.62 9.83
N LYS A 217 19.15 -7.14 11.04
CA LYS A 217 19.29 -7.87 12.27
C LYS A 217 18.05 -8.69 12.62
N GLY A 218 16.97 -8.55 11.87
CA GLY A 218 15.80 -9.36 12.09
C GLY A 218 15.07 -9.15 13.39
N LYS A 219 15.11 -7.94 13.97
CA LYS A 219 14.49 -7.72 15.26
C LYS A 219 13.55 -6.52 15.25
N CYS A 220 12.56 -6.59 16.13
CA CYS A 220 11.57 -5.54 16.30
C CYS A 220 12.14 -4.45 17.18
N LEU A 221 12.00 -3.19 16.73
CA LEU A 221 12.53 -2.03 17.45
C LEU A 221 11.46 -1.20 18.14
N LYS A 222 10.26 -1.10 17.56
CA LYS A 222 9.20 -0.25 18.06
C LYS A 222 7.86 -0.95 17.82
N THR A 223 6.91 -0.71 18.72
CA THR A 223 5.53 -1.17 18.60
C THR A 223 4.61 0.03 18.75
N TYR A 224 3.59 0.10 17.90
CA TYR A 224 2.62 1.19 17.91
C TYR A 224 1.23 0.61 18.11
N THR A 225 0.51 1.14 19.11
CA THR A 225 -0.82 0.63 19.42
C THR A 225 -1.77 1.79 19.74
N GLY A 226 -3.04 1.43 20.00
CA GLY A 226 -4.10 2.36 20.32
C GLY A 226 -5.17 2.46 19.27
N HIS A 227 -4.89 2.00 18.05
CA HIS A 227 -5.84 2.00 16.96
C HIS A 227 -6.59 0.66 16.93
N LYS A 228 -7.51 0.51 15.98
CA LYS A 228 -8.31 -0.70 15.82
C LYS A 228 -7.97 -1.31 14.46
N ASN A 229 -7.43 -2.52 14.48
CA ASN A 229 -7.11 -3.21 13.22
C ASN A 229 -7.07 -4.72 13.49
N GLU A 230 -8.22 -5.37 13.31
CA GLU A 230 -8.36 -6.82 13.44
C GLU A 230 -8.92 -7.50 12.21
N LYS A 231 -9.43 -6.76 11.24
CA LYS A 231 -10.15 -7.34 10.11
C LYS A 231 -9.57 -6.98 8.75
N TYR A 232 -9.18 -5.73 8.52
CA TYR A 232 -8.90 -5.24 7.18
C TYR A 232 -7.40 -5.03 6.95
N CYS A 233 -6.99 -5.14 5.70
CA CYS A 233 -5.60 -4.89 5.33
C CYS A 233 -5.46 -3.40 5.05
N ILE A 234 -5.04 -2.67 6.09
CA ILE A 234 -4.98 -1.22 6.10
C ILE A 234 -3.55 -0.78 5.80
N PHE A 235 -3.41 0.20 4.89
CA PHE A 235 -2.09 0.73 4.55
C PHE A 235 -1.58 1.63 5.67
N ALA A 236 -0.27 1.54 5.93
CA ALA A 236 0.40 2.41 6.87
C ALA A 236 1.60 3.04 6.18
N ASN A 237 2.17 4.08 6.82
CA ASN A 237 3.17 4.90 6.16
C ASN A 237 4.17 5.46 7.17
N PHE A 238 5.36 5.77 6.64
CA PHE A 238 6.29 6.70 7.25
C PHE A 238 6.01 8.11 6.72
N SER A 239 5.85 9.07 7.61
CA SER A 239 5.79 10.48 7.24
C SER A 239 7.13 11.10 7.59
N VAL A 240 7.82 11.67 6.60
CA VAL A 240 9.19 12.13 6.78
C VAL A 240 9.42 13.56 6.31
N THR A 241 8.38 14.23 5.79
CA THR A 241 8.55 15.58 5.27
C THR A 241 8.70 16.61 6.38
N GLY A 242 8.14 16.32 7.55
CA GLY A 242 8.25 17.16 8.72
C GLY A 242 8.73 16.35 9.89
N GLY A 243 7.94 16.33 10.97
CA GLY A 243 8.23 15.41 12.06
C GLY A 243 8.15 13.98 11.59
N LYS A 244 8.86 13.12 12.28
CA LYS A 244 9.00 11.72 11.88
C LYS A 244 7.88 10.91 12.52
N TRP A 245 6.85 10.62 11.73
CA TRP A 245 5.66 9.93 12.22
C TRP A 245 5.46 8.60 11.54
N ILE A 246 4.61 7.78 12.18
CA ILE A 246 3.95 6.62 11.59
C ILE A 246 2.48 7.02 11.42
N VAL A 247 1.91 6.73 10.25
CA VAL A 247 0.53 7.09 9.91
C VAL A 247 -0.20 5.84 9.47
N SER A 248 -1.42 5.66 9.97
CA SER A 248 -2.20 4.49 9.61
C SER A 248 -3.68 4.79 9.69
N GLY A 249 -4.47 4.08 8.88
CA GLY A 249 -5.90 4.06 9.08
C GLY A 249 -6.29 3.17 10.25
N SER A 250 -7.60 3.09 10.48
CA SER A 250 -8.13 2.39 11.65
C SER A 250 -9.58 2.01 11.43
N GLU A 251 -10.01 0.94 12.09
CA GLU A 251 -11.38 0.44 11.96
C GLU A 251 -12.38 1.21 12.82
N ASP A 252 -11.91 2.19 13.60
CA ASP A 252 -12.78 3.12 14.31
C ASP A 252 -12.96 4.43 13.55
N ASN A 253 -12.64 4.43 12.25
CA ASN A 253 -12.92 5.49 11.30
C ASN A 253 -11.98 6.69 11.43
N LEU A 254 -10.86 6.53 12.14
CA LEU A 254 -9.90 7.60 12.37
C LEU A 254 -8.59 7.32 11.64
N VAL A 255 -7.85 8.40 11.35
CA VAL A 255 -6.44 8.32 11.01
C VAL A 255 -5.61 8.52 12.28
N TYR A 256 -4.68 7.60 12.54
CA TYR A 256 -3.77 7.68 13.69
C TYR A 256 -2.39 8.12 13.21
N ILE A 257 -1.78 9.01 13.98
CA ILE A 257 -0.42 9.46 13.76
C ILE A 257 0.36 9.25 15.06
N TRP A 258 1.48 8.53 14.97
CA TRP A 258 2.35 8.28 16.10
C TRP A 258 3.71 8.95 15.91
N ASN A 259 4.33 9.32 17.02
CA ASN A 259 5.74 9.67 17.02
C ASN A 259 6.57 8.40 16.86
N LEU A 260 7.37 8.36 15.80
CA LEU A 260 8.10 7.13 15.47
C LEU A 260 9.01 6.69 16.60
N GLN A 261 9.70 7.64 17.23
CA GLN A 261 10.69 7.28 18.24
C GLN A 261 10.05 6.96 19.59
N THR A 262 9.10 7.79 20.04
CA THR A 262 8.52 7.61 21.38
C THR A 262 7.33 6.65 21.39
N LYS A 263 6.72 6.41 20.23
CA LYS A 263 5.57 5.52 20.05
C LYS A 263 4.29 6.12 20.61
N GLU A 264 4.30 7.39 21.00
CA GLU A 264 3.09 8.03 21.49
C GLU A 264 2.19 8.43 20.32
N ILE A 265 0.87 8.34 20.53
CA ILE A 265 -0.05 8.93 19.58
C ILE A 265 0.01 10.44 19.70
N VAL A 266 0.23 11.12 18.57
CA VAL A 266 0.29 12.58 18.56
C VAL A 266 -0.92 13.23 17.88
N GLN A 267 -1.67 12.51 17.04
CA GLN A 267 -2.89 13.06 16.45
C GLN A 267 -3.82 11.93 16.04
N LYS A 268 -5.13 12.17 16.15
CA LYS A 268 -6.17 11.33 15.56
C LYS A 268 -7.06 12.22 14.71
N LEU A 269 -7.23 11.87 13.43
CA LEU A 269 -7.95 12.72 12.49
C LEU A 269 -9.37 12.20 12.33
N GLN A 270 -10.34 13.02 12.69
CA GLN A 270 -11.74 12.65 12.70
C GLN A 270 -12.45 13.22 11.48
N GLY A 271 -13.36 12.44 10.91
CA GLY A 271 -14.17 12.90 9.81
C GLY A 271 -14.77 11.79 8.97
N HIS A 272 -14.01 10.73 8.72
CA HIS A 272 -14.55 9.63 7.94
C HIS A 272 -15.67 8.93 8.69
N THR A 273 -16.53 8.25 7.93
CA THR A 273 -17.70 7.56 8.47
C THR A 273 -17.69 6.05 8.20
N ASP A 274 -16.53 5.51 7.86
CA ASP A 274 -16.32 4.08 7.76
C ASP A 274 -14.83 3.83 7.94
N VAL A 275 -14.45 2.54 7.96
CA VAL A 275 -13.06 2.12 8.12
C VAL A 275 -12.16 2.94 7.19
N VAL A 276 -11.06 3.46 7.73
CA VAL A 276 -10.05 4.15 6.92
C VAL A 276 -9.08 3.07 6.46
N ILE A 277 -9.30 2.59 5.23
CA ILE A 277 -8.56 1.46 4.68
C ILE A 277 -7.18 1.87 4.20
N SER A 278 -6.97 3.14 3.90
CA SER A 278 -5.75 3.57 3.22
C SER A 278 -5.40 4.98 3.63
N THR A 279 -4.10 5.18 3.85
CA THR A 279 -3.50 6.50 4.01
C THR A 279 -2.28 6.57 3.12
N ALA A 280 -1.90 7.79 2.79
CA ALA A 280 -0.67 8.04 2.04
C ALA A 280 -0.12 9.40 2.45
N CYS A 281 1.20 9.54 2.33
CA CYS A 281 1.92 10.74 2.69
C CYS A 281 2.56 11.35 1.45
N HIS A 282 2.37 12.65 1.27
CA HIS A 282 2.91 13.36 0.12
C HIS A 282 4.43 13.31 0.12
N PRO A 283 5.07 13.22 -1.05
CA PRO A 283 6.54 13.03 -1.06
C PRO A 283 7.33 14.23 -0.57
N THR A 284 6.83 15.46 -0.65
CA THR A 284 7.64 16.60 -0.22
C THR A 284 6.93 17.56 0.74
N GLU A 285 5.60 17.63 0.74
CA GLU A 285 4.83 18.52 1.60
C GLU A 285 4.14 17.74 2.71
N ASN A 286 3.76 18.46 3.78
CA ASN A 286 3.12 17.86 4.95
C ASN A 286 1.62 17.73 4.65
N ILE A 287 1.29 16.69 3.87
CA ILE A 287 -0.05 16.45 3.36
C ILE A 287 -0.31 14.96 3.46
N ILE A 288 -1.46 14.59 4.02
CA ILE A 288 -1.90 13.21 4.14
C ILE A 288 -3.17 13.04 3.33
N ALA A 289 -3.27 11.91 2.63
CA ALA A 289 -4.53 11.47 2.01
C ALA A 289 -5.03 10.23 2.74
N SER A 290 -6.35 10.16 2.92
CA SER A 290 -6.98 9.03 3.58
C SER A 290 -8.23 8.63 2.80
N ALA A 291 -8.61 7.36 2.89
CA ALA A 291 -9.79 6.90 2.15
C ALA A 291 -10.53 5.83 2.94
N ALA A 292 -11.84 5.73 2.70
CA ALA A 292 -12.69 4.91 3.55
C ALA A 292 -13.62 4.01 2.75
N LEU A 293 -14.20 3.04 3.46
CA LEU A 293 -14.99 1.98 2.85
C LEU A 293 -16.45 2.37 2.60
N GLU A 294 -17.31 1.35 2.45
CA GLU A 294 -18.65 1.45 1.86
C GLU A 294 -19.51 2.62 2.34
N ASN A 295 -19.58 2.84 3.65
CA ASN A 295 -20.51 3.85 4.15
C ASN A 295 -20.02 5.28 3.95
N ASP A 296 -18.81 5.45 3.43
CA ASP A 296 -18.18 6.75 3.27
C ASP A 296 -17.79 6.97 1.82
N LYS A 297 -16.89 6.16 1.28
CA LYS A 297 -16.50 6.15 -0.11
C LYS A 297 -15.78 7.42 -0.55
N THR A 298 -15.30 8.24 0.37
CA THR A 298 -14.58 9.45 -0.01
C THR A 298 -13.10 9.35 0.37
N ILE A 299 -12.35 10.28 -0.22
CA ILE A 299 -10.94 10.50 0.05
C ILE A 299 -10.85 11.87 0.71
N LYS A 300 -10.02 12.00 1.73
CA LYS A 300 -9.83 13.27 2.41
C LYS A 300 -8.37 13.68 2.36
N LEU A 301 -8.13 14.98 2.15
CA LEU A 301 -6.79 15.54 2.10
C LEU A 301 -6.62 16.44 3.31
N TRP A 302 -5.56 16.20 4.08
CA TRP A 302 -5.29 16.86 5.34
C TRP A 302 -3.93 17.54 5.22
N LYS A 303 -3.81 18.76 5.76
CA LYS A 303 -2.55 19.49 5.73
C LYS A 303 -2.15 19.96 7.11
N SER A 304 -0.83 19.93 7.35
CA SER A 304 -0.20 20.30 8.60
C SER A 304 0.80 21.43 8.34
N ASP A 305 1.01 22.27 9.36
CA ASP A 305 2.03 23.31 9.27
C ASP A 305 3.43 22.78 9.54
N CYS A 306 3.55 21.54 10.02
CA CYS A 306 4.82 20.91 10.38
C CYS A 306 4.76 19.38 10.24
N SER B 1 -13.49 -5.43 -5.00
CA SER B 1 -12.21 -5.42 -4.28
C SER B 1 -12.20 -6.34 -3.05
N ALA B 2 -11.35 -7.37 -3.09
CA ALA B 2 -11.21 -8.25 -1.92
C ALA B 2 -10.77 -7.47 -0.70
N ARG B 3 -9.94 -6.44 -0.88
CA ARG B 3 -9.48 -5.65 0.26
C ARG B 3 -10.63 -4.92 0.94
N ALA B 4 -11.57 -4.39 0.15
CA ALA B 4 -12.66 -3.57 0.70
C ALA B 4 -13.88 -4.40 1.10
N VAL B 6 -13.35 -10.26 7.38
CA VAL B 6 -13.03 -11.68 7.34
C VAL B 6 -13.25 -12.94 6.89
N HIS B 7 -14.36 -12.74 6.18
CA HIS B 7 -15.16 -13.78 5.57
C HIS B 7 -14.58 -14.25 4.24
N LEU B 8 -14.09 -13.35 3.39
CA LEU B 8 -13.54 -13.77 2.10
C LEU B 8 -12.22 -14.51 2.27
N ARG B 9 -11.34 -13.99 3.12
CA ARG B 9 -10.03 -14.61 3.26
C ARG B 9 -10.13 -15.96 3.96
N LYS B 10 -11.23 -16.22 4.69
CA LYS B 10 -11.45 -17.50 5.35
C LYS B 10 -12.39 -18.43 4.58
N SER B 11 -12.90 -18.00 3.42
CA SER B 11 -13.85 -18.79 2.60
C SER B 11 -13.17 -19.78 1.64
N ALA B 12 -11.84 -19.78 1.63
N GLU C 1 18.18 -16.71 -12.73
CA GLU C 1 19.08 -15.67 -12.13
C GLU C 1 20.05 -15.09 -13.18
N ALA C 2 20.00 -13.78 -13.36
CA ALA C 2 20.80 -13.08 -14.36
C ALA C 2 21.53 -11.91 -13.71
N LYS C 3 22.66 -11.52 -14.33
CA LYS C 3 23.50 -10.37 -14.02
C LYS C 3 23.09 -9.21 -14.93
N PRO C 4 22.28 -8.24 -14.45
CA PRO C 4 21.84 -7.14 -15.30
C PRO C 4 23.02 -6.61 -16.13
#